data_3LN4
#
_entry.id   3LN4
#
_cell.length_a   50.777
_cell.length_b   81.992
_cell.length_c   109.810
_cell.angle_alpha   90.00
_cell.angle_beta   90.00
_cell.angle_gamma   90.00
#
_symmetry.space_group_name_H-M   'P 21 21 21'
#
loop_
_entity.id
_entity.type
_entity.pdbx_description
1 polymer 'HLA class I histocompatibility antigen, B-41 alpha chain'
2 polymer Beta-2-microglobulin
3 polymer '16-mer peptide from Heterogeneous nuclear ribonucleoproteins C1/C2'
4 non-polymer 'ACETATE ION'
5 water water
#
loop_
_entity_poly.entity_id
_entity_poly.type
_entity_poly.pdbx_seq_one_letter_code
_entity_poly.pdbx_strand_id
1 'polypeptide(L)'
;GSHSMRYFHTAMSRPGRGEPRFITVGYVDDTLFVRFDSDATSPRKEPRAPWIEQEGPEYWDRETQISKTNTQTYRESLRN
LRGYYNQSEAGSHTLQRMYGCDVGPDGRLLRGHNQYAYDGKDYIALNEDLRSWTAADTAAQITQRKWEAARVAEQDRAYL
EGTCVEWLRRYLENGKDTLERADPPKTHVTHHPISDHEATLRCWALGFYPAEITLTWQRDGEDQTQDTELVETRPAGDRT
FQKWAAVVVPSGEEQRYTCHVQHEGLPKPLTLRW
;
A
2 'polypeptide(L)'
;IQRTPKIQVYSRHPAENGKSNFLNCYVSGFHPSDIEVDLLKNGERIEKVEHSDLSFSKDWSFYLLYYTEFTPTEKDEYAC
RVNHVTLSQPKIVKWDRDM
;
B
3 'polypeptide(L)' AEMYGSVTEHPSPSPL C
#
# COMPACT_ATOMS: atom_id res chain seq x y z
N GLY A 1 11.84 16.84 -4.75
CA GLY A 1 10.47 17.08 -4.32
C GLY A 1 10.26 16.81 -2.84
N SER A 2 9.02 16.57 -2.46
N SER A 2 9.02 16.58 -2.46
CA SER A 2 8.69 16.28 -1.07
CA SER A 2 8.68 16.29 -1.07
C SER A 2 8.76 14.78 -0.80
C SER A 2 8.79 14.79 -0.80
N HIS A 3 8.96 14.42 0.46
CA HIS A 3 9.15 13.03 0.82
C HIS A 3 8.50 12.70 2.14
N SER A 4 8.34 11.41 2.38
N SER A 4 8.32 11.41 2.38
CA SER A 4 7.74 10.95 3.62
CA SER A 4 7.68 10.92 3.60
C SER A 4 8.45 9.70 4.10
C SER A 4 8.36 9.66 4.08
N MET A 5 8.41 9.49 5.40
CA MET A 5 8.78 8.22 5.99
C MET A 5 7.61 7.76 6.82
N ARG A 6 7.22 6.50 6.66
CA ARG A 6 6.10 5.97 7.43
C ARG A 6 6.37 4.58 7.87
N TYR A 7 6.06 4.30 9.14
CA TYR A 7 6.06 2.95 9.65
C TYR A 7 4.64 2.48 9.84
N PHE A 8 4.42 1.20 9.56
CA PHE A 8 3.11 0.58 9.61
C PHE A 8 3.19 -0.63 10.53
N HIS A 9 2.37 -0.63 11.57
CA HIS A 9 2.31 -1.76 12.50
C HIS A 9 0.95 -2.43 12.36
N THR A 10 0.96 -3.76 12.40
N THR A 10 0.93 -3.76 12.37
CA THR A 10 -0.27 -4.54 12.42
CA THR A 10 -0.34 -4.47 12.45
C THR A 10 -0.13 -5.65 13.46
C THR A 10 -0.22 -5.69 13.36
N ALA A 11 -1.16 -5.79 14.30
CA ALA A 11 -1.24 -6.95 15.20
C ALA A 11 -2.60 -7.61 14.96
N MET A 12 -2.59 -8.94 14.90
CA MET A 12 -3.78 -9.69 14.53
C MET A 12 -3.97 -10.84 15.51
N SER A 13 -5.02 -10.80 16.32
CA SER A 13 -5.28 -11.93 17.20
C SER A 13 -5.90 -13.09 16.44
N ARG A 14 -5.79 -14.28 17.03
CA ARG A 14 -6.19 -15.51 16.36
C ARG A 14 -6.44 -16.56 17.44
N PRO A 15 -7.52 -16.37 18.21
CA PRO A 15 -7.74 -17.25 19.37
C PRO A 15 -7.74 -18.73 18.97
N GLY A 16 -7.04 -19.54 19.76
CA GLY A 16 -6.93 -20.96 19.48
C GLY A 16 -5.81 -21.30 18.51
N ARG A 17 -5.17 -20.27 17.95
CA ARG A 17 -4.10 -20.46 16.97
C ARG A 17 -2.86 -19.67 17.36
N GLY A 18 -2.61 -19.59 18.67
CA GLY A 18 -1.43 -18.92 19.19
C GLY A 18 -1.67 -17.48 19.58
N GLU A 19 -0.59 -16.80 19.94
CA GLU A 19 -0.65 -15.39 20.32
C GLU A 19 -0.74 -14.49 19.10
N PRO A 20 -1.22 -13.25 19.26
CA PRO A 20 -1.38 -12.38 18.10
C PRO A 20 -0.09 -12.16 17.32
N ARG A 21 -0.19 -12.25 16.00
CA ARG A 21 0.93 -11.94 15.13
C ARG A 21 1.18 -10.45 15.11
N PHE A 22 2.44 -10.05 15.08
CA PHE A 22 2.81 -8.64 14.94
C PHE A 22 3.75 -8.45 13.76
N ILE A 23 3.41 -7.52 12.88
N ILE A 23 3.41 -7.49 12.89
CA ILE A 23 4.31 -7.19 11.79
CA ILE A 23 4.18 -7.17 11.69
C ILE A 23 4.59 -5.69 11.78
C ILE A 23 4.49 -5.67 11.60
N THR A 24 5.68 -5.34 11.13
CA THR A 24 6.01 -3.94 10.85
C THR A 24 6.64 -3.86 9.47
N VAL A 25 6.26 -2.85 8.71
CA VAL A 25 7.02 -2.48 7.54
C VAL A 25 7.29 -0.98 7.58
N GLY A 26 8.41 -0.56 7.01
CA GLY A 26 8.72 0.85 6.88
C GLY A 26 8.89 1.24 5.43
N TYR A 27 8.43 2.45 5.09
CA TYR A 27 8.52 3.00 3.74
C TYR A 27 9.17 4.38 3.76
N VAL A 28 9.96 4.67 2.73
CA VAL A 28 10.23 6.04 2.34
C VAL A 28 9.48 6.23 1.02
N ASP A 29 8.56 7.19 0.99
CA ASP A 29 7.69 7.36 -0.17
C ASP A 29 7.07 6.01 -0.53
N ASP A 30 7.21 5.56 -1.78
CA ASP A 30 6.62 4.29 -2.19
C ASP A 30 7.63 3.15 -2.23
N THR A 31 8.69 3.26 -1.43
CA THR A 31 9.72 2.25 -1.37
C THR A 31 9.75 1.59 0.02
N LEU A 32 9.43 0.31 0.08
CA LEU A 32 9.49 -0.43 1.33
C LEU A 32 10.96 -0.73 1.62
N PHE A 33 11.45 -0.40 2.82
CA PHE A 33 12.87 -0.57 3.09
C PHE A 33 13.21 -1.48 4.26
N VAL A 34 12.23 -1.81 5.10
CA VAL A 34 12.47 -2.68 6.24
C VAL A 34 11.20 -3.45 6.61
N ARG A 35 11.37 -4.65 7.16
CA ARG A 35 10.24 -5.45 7.60
C ARG A 35 10.57 -6.23 8.86
N PHE A 36 9.52 -6.63 9.57
CA PHE A 36 9.62 -7.48 10.75
C PHE A 36 8.35 -8.33 10.82
N ASP A 37 8.49 -9.59 11.20
CA ASP A 37 7.33 -10.47 11.38
C ASP A 37 7.57 -11.37 12.58
N SER A 38 6.69 -11.29 13.58
CA SER A 38 6.86 -12.12 14.79
C SER A 38 6.71 -13.61 14.50
N ASP A 39 6.12 -13.97 13.36
CA ASP A 39 5.98 -15.37 12.96
C ASP A 39 7.19 -15.90 12.19
N ALA A 40 8.18 -15.04 11.92
CA ALA A 40 9.37 -15.48 11.21
C ALA A 40 10.12 -16.49 12.06
N THR A 41 10.92 -17.32 11.40
CA THR A 41 11.67 -18.35 12.08
C THR A 41 12.53 -17.75 13.18
N SER A 42 13.25 -16.68 12.84
CA SER A 42 14.02 -15.94 13.83
C SER A 42 13.71 -14.46 13.68
N PRO A 43 12.65 -13.99 14.36
CA PRO A 43 12.18 -12.63 14.11
C PRO A 43 13.27 -11.58 14.28
N ARG A 44 13.51 -10.82 13.22
CA ARG A 44 14.47 -9.72 13.23
C ARG A 44 14.00 -8.69 12.25
N LYS A 45 14.39 -7.43 12.48
CA LYS A 45 14.20 -6.42 11.46
C LYS A 45 15.14 -6.74 10.31
N GLU A 46 14.62 -6.74 9.08
CA GLU A 46 15.38 -7.13 7.91
C GLU A 46 15.36 -6.03 6.85
N PRO A 47 16.52 -5.80 6.21
CA PRO A 47 16.56 -4.81 5.11
C PRO A 47 15.80 -5.26 3.88
N ARG A 48 15.13 -4.32 3.22
CA ARG A 48 14.40 -4.61 1.98
C ARG A 48 14.74 -3.66 0.84
N ALA A 49 15.67 -2.74 1.08
CA ALA A 49 16.19 -1.84 0.04
C ALA A 49 17.71 -1.78 0.19
N PRO A 50 18.43 -1.71 -0.94
CA PRO A 50 19.89 -1.78 -0.78
C PRO A 50 20.50 -0.66 0.07
N TRP A 51 19.93 0.54 0.03
CA TRP A 51 20.53 1.68 0.72
C TRP A 51 20.43 1.61 2.25
N ILE A 52 19.57 0.75 2.78
CA ILE A 52 19.48 0.59 4.23
C ILE A 52 20.49 -0.47 4.73
N GLU A 53 21.01 -1.29 3.83
CA GLU A 53 21.91 -2.37 4.23
C GLU A 53 23.15 -1.87 4.93
N GLN A 54 23.58 -0.66 4.57
CA GLN A 54 24.81 -0.12 5.14
C GLN A 54 24.70 0.30 6.62
N GLU A 55 23.49 0.32 7.16
CA GLU A 55 23.35 0.60 8.58
C GLU A 55 24.02 -0.53 9.36
N GLY A 56 24.69 -0.18 10.47
CA GLY A 56 25.51 -1.12 11.20
C GLY A 56 24.74 -2.00 12.17
N PRO A 57 25.45 -2.92 12.84
CA PRO A 57 24.81 -3.87 13.75
C PRO A 57 24.00 -3.19 14.85
N GLU A 58 24.46 -2.03 15.32
CA GLU A 58 23.78 -1.31 16.39
C GLU A 58 22.38 -0.89 15.95
N TYR A 59 22.27 -0.45 14.70
CA TYR A 59 20.99 -0.08 14.11
C TYR A 59 20.06 -1.28 14.10
N TRP A 60 20.54 -2.41 13.59
CA TRP A 60 19.69 -3.59 13.46
C TRP A 60 19.28 -4.16 14.79
N ASP A 61 20.19 -4.10 15.76
CA ASP A 61 19.87 -4.52 17.12
C ASP A 61 18.77 -3.64 17.74
N ARG A 62 18.92 -2.32 17.61
CA ARG A 62 17.93 -1.40 18.18
C ARG A 62 16.58 -1.61 17.51
N GLU A 63 16.58 -1.69 16.17
CA GLU A 63 15.35 -1.87 15.42
C GLU A 63 14.64 -3.17 15.78
N THR A 64 15.42 -4.24 15.92
CA THR A 64 14.84 -5.52 16.30
C THR A 64 14.26 -5.47 17.71
N GLN A 65 14.99 -4.87 18.65
CA GLN A 65 14.47 -4.78 19.99
C GLN A 65 13.17 -3.99 20.05
N ILE A 66 13.10 -2.89 19.30
CA ILE A 66 11.86 -2.11 19.25
C ILE A 66 10.70 -2.99 18.81
N SER A 67 10.92 -3.78 17.77
CA SER A 67 9.86 -4.64 17.24
C SER A 67 9.51 -5.79 18.17
N LYS A 68 10.49 -6.37 18.85
CA LYS A 68 10.20 -7.41 19.82
C LYS A 68 9.38 -6.86 20.99
N THR A 69 9.75 -5.68 21.47
CA THR A 69 8.98 -5.04 22.53
C THR A 69 7.58 -4.72 22.05
N ASN A 70 7.47 -4.18 20.84
CA ASN A 70 6.15 -3.89 20.26
C ASN A 70 5.26 -5.12 20.17
N THR A 71 5.84 -6.27 19.83
CA THR A 71 5.04 -7.49 19.77
C THR A 71 4.29 -7.69 21.08
N GLN A 72 5.01 -7.53 22.19
CA GLN A 72 4.39 -7.69 23.50
C GLN A 72 3.41 -6.55 23.82
N THR A 73 3.78 -5.32 23.50
CA THR A 73 2.91 -4.19 23.80
C THR A 73 1.59 -4.30 23.04
N TYR A 74 1.66 -4.68 21.77
CA TYR A 74 0.45 -4.78 20.96
C TYR A 74 -0.45 -5.91 21.44
N ARG A 75 0.12 -6.98 21.98
CA ARG A 75 -0.70 -8.05 22.57
C ARG A 75 -1.47 -7.52 23.78
N GLU A 76 -0.81 -6.70 24.59
CA GLU A 76 -1.48 -6.06 25.71
C GLU A 76 -2.59 -5.13 25.21
N SER A 77 -2.28 -4.32 24.19
CA SER A 77 -3.29 -3.44 23.61
C SER A 77 -4.51 -4.21 23.13
N LEU A 78 -4.28 -5.32 22.44
CA LEU A 78 -5.40 -6.12 21.93
C LEU A 78 -6.26 -6.65 23.07
N ARG A 79 -5.63 -7.10 24.16
CA ARG A 79 -6.41 -7.53 25.32
C ARG A 79 -7.25 -6.37 25.87
N ASN A 80 -6.63 -5.20 25.97
CA ASN A 80 -7.34 -4.05 26.52
C ASN A 80 -8.51 -3.65 25.64
N LEU A 81 -8.29 -3.64 24.32
CA LEU A 81 -9.34 -3.25 23.38
C LEU A 81 -10.52 -4.21 23.42
N ARG A 82 -10.24 -5.50 23.53
CA ARG A 82 -11.33 -6.47 23.60
C ARG A 82 -12.22 -6.10 24.79
N GLY A 83 -11.61 -5.79 25.91
CA GLY A 83 -12.35 -5.37 27.10
C GLY A 83 -13.11 -4.06 26.88
N TYR A 84 -12.47 -3.08 26.24
CA TYR A 84 -13.13 -1.79 26.05
C TYR A 84 -14.41 -1.89 25.24
N TYR A 85 -14.48 -2.91 24.37
CA TYR A 85 -15.66 -3.09 23.54
C TYR A 85 -16.53 -4.26 23.99
N ASN A 86 -16.25 -4.79 25.18
CA ASN A 86 -17.03 -5.90 25.74
C ASN A 86 -17.09 -7.09 24.80
N GLN A 87 -15.98 -7.36 24.12
CA GLN A 87 -15.96 -8.41 23.12
C GLN A 87 -15.59 -9.77 23.66
N SER A 88 -16.09 -10.82 23.00
N SER A 88 -16.08 -10.80 22.99
CA SER A 88 -15.82 -12.18 23.40
CA SER A 88 -15.82 -12.19 23.35
C SER A 88 -14.37 -12.57 23.12
C SER A 88 -14.35 -12.54 23.14
N GLU A 89 -13.89 -13.57 23.85
CA GLU A 89 -12.51 -14.05 23.68
C GLU A 89 -12.38 -14.86 22.39
N ALA A 90 -13.51 -15.18 21.75
CA ALA A 90 -13.50 -16.07 20.59
C ALA A 90 -13.18 -15.40 19.25
N GLY A 91 -13.40 -14.09 19.15
CA GLY A 91 -13.19 -13.43 17.87
C GLY A 91 -11.77 -12.97 17.60
N SER A 92 -11.44 -12.84 16.31
N SER A 92 -11.43 -12.87 16.31
CA SER A 92 -10.16 -12.31 15.87
CA SER A 92 -10.17 -12.30 15.90
C SER A 92 -10.27 -10.81 15.58
C SER A 92 -10.33 -10.80 15.73
N HIS A 93 -9.27 -10.05 16.01
CA HIS A 93 -9.29 -8.60 15.89
C HIS A 93 -7.96 -8.10 15.38
N THR A 94 -7.97 -6.89 14.83
CA THR A 94 -6.80 -6.28 14.22
C THR A 94 -6.56 -4.91 14.82
N LEU A 95 -5.31 -4.62 15.15
CA LEU A 95 -4.90 -3.29 15.57
C LEU A 95 -3.83 -2.81 14.60
N GLN A 96 -4.00 -1.60 14.06
CA GLN A 96 -3.03 -1.03 13.13
C GLN A 96 -2.59 0.35 13.59
N ARG A 97 -1.33 0.69 13.28
CA ARG A 97 -0.79 2.01 13.51
C ARG A 97 -0.03 2.46 12.29
N MET A 98 -0.14 3.74 11.95
CA MET A 98 0.80 4.31 11.02
CA MET A 98 0.70 4.38 10.96
C MET A 98 1.31 5.61 11.61
N TYR A 99 2.63 5.79 11.49
CA TYR A 99 3.22 7.02 12.01
C TYR A 99 4.42 7.42 11.18
N GLY A 100 4.78 8.71 11.24
CA GLY A 100 5.95 9.18 10.54
C GLY A 100 5.83 10.63 10.15
N CYS A 101 6.69 11.06 9.23
N CYS A 101 6.68 11.04 9.23
N CYS A 101 6.71 11.05 9.25
CA CYS A 101 6.87 12.48 8.96
CA CYS A 101 6.77 12.44 8.87
CA CYS A 101 6.82 12.47 8.92
C CYS A 101 6.91 12.77 7.46
C CYS A 101 6.59 12.67 7.39
C CYS A 101 6.76 12.72 7.42
N ASP A 102 6.37 13.94 7.08
CA ASP A 102 6.41 14.43 5.72
C ASP A 102 7.35 15.63 5.74
N VAL A 103 8.26 15.71 4.76
CA VAL A 103 9.17 16.85 4.65
C VAL A 103 9.10 17.43 3.23
N GLY A 104 9.46 18.70 3.11
CA GLY A 104 9.52 19.34 1.81
C GLY A 104 10.86 19.14 1.14
N PRO A 105 11.06 19.77 -0.03
CA PRO A 105 12.29 19.66 -0.81
C PRO A 105 13.52 20.12 -0.03
N ASP A 106 13.31 21.02 0.94
CA ASP A 106 14.40 21.51 1.79
C ASP A 106 14.65 20.64 3.01
N GLY A 107 13.87 19.56 3.14
CA GLY A 107 14.03 18.63 4.24
C GLY A 107 13.37 19.08 5.54
N ARG A 108 12.68 20.21 5.50
CA ARG A 108 11.99 20.70 6.69
C ARG A 108 10.65 20.00 6.92
N LEU A 109 10.30 19.81 8.19
CA LEU A 109 9.04 19.15 8.52
C LEU A 109 7.83 19.86 7.96
N LEU A 110 6.99 19.12 7.25
CA LEU A 110 5.70 19.63 6.79
C LEU A 110 4.63 19.25 7.81
N ARG A 111 4.61 17.99 8.20
CA ARG A 111 3.75 17.57 9.30
C ARG A 111 4.10 16.15 9.74
N GLY A 112 3.65 15.82 10.95
CA GLY A 112 3.82 14.50 11.49
C GLY A 112 2.51 13.78 11.61
N HIS A 113 2.59 12.46 11.78
CA HIS A 113 1.44 11.58 11.85
C HIS A 113 1.64 10.53 12.91
N ASN A 114 0.57 10.20 13.63
CA ASN A 114 0.55 9.04 14.50
C ASN A 114 -0.90 8.64 14.74
N GLN A 115 -1.33 7.60 14.02
N GLN A 115 -1.36 7.58 14.11
CA GLN A 115 -2.74 7.17 13.92
CA GLN A 115 -2.75 7.23 14.28
C GLN A 115 -2.91 5.70 14.25
C GLN A 115 -2.96 5.73 14.21
N TYR A 116 -4.07 5.33 14.80
CA TYR A 116 -4.39 3.93 15.05
C TYR A 116 -5.80 3.61 14.59
N ALA A 117 -5.99 2.34 14.21
CA ALA A 117 -7.30 1.80 13.85
C ALA A 117 -7.49 0.45 14.51
N TYR A 118 -8.74 0.16 14.89
CA TYR A 118 -9.09 -1.13 15.46
C TYR A 118 -10.16 -1.75 14.57
N ASP A 119 -9.92 -2.99 14.13
CA ASP A 119 -10.79 -3.66 13.18
C ASP A 119 -11.10 -2.79 11.96
N GLY A 120 -10.09 -2.04 11.52
CA GLY A 120 -10.20 -1.26 10.31
C GLY A 120 -10.87 0.09 10.46
N LYS A 121 -11.27 0.43 11.69
CA LYS A 121 -11.95 1.70 11.97
C LYS A 121 -11.04 2.63 12.75
N ASP A 122 -11.02 3.90 12.37
CA ASP A 122 -10.21 4.87 13.08
C ASP A 122 -10.53 4.84 14.56
N TYR A 123 -9.47 4.83 15.39
CA TYR A 123 -9.61 4.68 16.83
C TYR A 123 -9.11 5.93 17.57
N ILE A 124 -7.83 6.27 17.38
CA ILE A 124 -7.28 7.47 17.99
C ILE A 124 -6.18 8.00 17.08
N ALA A 125 -6.02 9.31 17.04
CA ALA A 125 -5.00 9.93 16.22
C ALA A 125 -4.41 11.13 16.93
N LEU A 126 -3.11 11.30 16.79
CA LEU A 126 -2.44 12.51 17.23
C LEU A 126 -2.84 13.65 16.29
N ASN A 127 -3.27 14.76 16.85
CA ASN A 127 -3.62 15.91 16.02
C ASN A 127 -2.39 16.52 15.35
N GLU A 128 -2.62 17.34 14.32
CA GLU A 128 -1.53 17.95 13.57
C GLU A 128 -0.62 18.81 14.47
N ASP A 129 -1.16 19.34 15.55
CA ASP A 129 -0.36 20.12 16.50
C ASP A 129 0.67 19.28 17.26
N LEU A 130 0.56 17.96 17.19
CA LEU A 130 1.46 17.03 17.87
C LEU A 130 1.40 17.18 19.39
N ARG A 131 0.28 17.69 19.90
CA ARG A 131 0.13 17.92 21.33
C ARG A 131 -1.16 17.34 21.92
N SER A 132 -2.13 17.04 21.07
CA SER A 132 -3.45 16.63 21.51
C SER A 132 -3.96 15.48 20.67
N TRP A 133 -4.99 14.80 21.16
CA TRP A 133 -5.53 13.60 20.52
C TRP A 133 -6.96 13.78 20.08
N THR A 134 -7.35 13.03 19.05
CA THR A 134 -8.75 12.88 18.68
C THR A 134 -9.14 11.41 18.84
N ALA A 135 -10.08 11.16 19.74
CA ALA A 135 -10.57 9.82 20.04
C ALA A 135 -11.90 9.57 19.35
N ALA A 136 -12.05 8.41 18.72
CA ALA A 136 -13.25 8.14 17.91
C ALA A 136 -14.50 7.87 18.73
N ASP A 137 -14.33 7.35 19.94
CA ASP A 137 -15.46 6.87 20.73
C ASP A 137 -15.08 6.75 22.20
N THR A 138 -15.99 6.26 23.03
CA THR A 138 -15.74 6.22 24.46
C THR A 138 -14.62 5.23 24.85
N ALA A 139 -14.40 4.21 24.02
CA ALA A 139 -13.26 3.32 24.25
C ALA A 139 -11.95 4.08 24.06
N ALA A 140 -11.84 4.75 22.92
CA ALA A 140 -10.62 5.50 22.64
C ALA A 140 -10.39 6.62 23.65
N GLN A 141 -11.46 7.11 24.27
CA GLN A 141 -11.31 8.12 25.31
C GLN A 141 -10.56 7.55 26.51
N ILE A 142 -10.70 6.26 26.75
CA ILE A 142 -9.93 5.62 27.82
C ILE A 142 -8.46 5.66 27.47
N THR A 143 -8.13 5.25 26.25
CA THR A 143 -6.75 5.34 25.78
C THR A 143 -6.24 6.77 25.86
N GLN A 144 -7.06 7.73 25.43
N GLN A 144 -7.05 7.73 25.42
CA GLN A 144 -6.68 9.14 25.46
CA GLN A 144 -6.66 9.13 25.46
C GLN A 144 -6.33 9.58 26.87
C GLN A 144 -6.31 9.55 26.88
N ARG A 145 -7.16 9.18 27.83
CA ARG A 145 -6.93 9.53 29.23
C ARG A 145 -5.59 8.98 29.72
N LYS A 146 -5.31 7.71 29.39
CA LYS A 146 -4.04 7.09 29.80
C LYS A 146 -2.85 7.79 29.17
N TRP A 147 -2.97 8.10 27.89
CA TRP A 147 -1.88 8.71 27.16
C TRP A 147 -1.65 10.18 27.55
N GLU A 148 -2.71 10.88 27.92
CA GLU A 148 -2.59 12.24 28.42
C GLU A 148 -1.92 12.21 29.78
N ALA A 149 -2.31 11.26 30.62
CA ALA A 149 -1.70 11.14 31.95
C ALA A 149 -0.20 10.86 31.82
N ALA A 150 0.17 10.09 30.80
CA ALA A 150 1.55 9.70 30.56
C ALA A 150 2.32 10.63 29.62
N ARG A 151 1.69 11.70 29.17
CA ARG A 151 2.30 12.65 28.24
C ARG A 151 2.97 11.97 27.01
N VAL A 152 2.28 10.98 26.44
CA VAL A 152 2.74 10.29 25.23
C VAL A 152 2.92 11.23 24.04
N ALA A 153 2.03 12.21 23.90
CA ALA A 153 2.11 13.10 22.74
C ALA A 153 3.45 13.82 22.73
N GLU A 154 3.96 14.15 23.91
CA GLU A 154 5.24 14.84 24.00
C GLU A 154 6.38 13.97 23.46
N GLN A 155 6.32 12.68 23.73
CA GLN A 155 7.30 11.75 23.19
C GLN A 155 7.16 11.67 21.66
N ASP A 156 5.92 11.61 21.18
CA ASP A 156 5.68 11.56 19.74
C ASP A 156 6.22 12.82 19.06
N ARG A 157 5.90 13.98 19.62
CA ARG A 157 6.37 15.23 19.05
C ARG A 157 7.91 15.26 18.95
N ALA A 158 8.59 14.88 20.02
CA ALA A 158 10.04 14.89 20.02
C ALA A 158 10.60 13.98 18.92
N TYR A 159 10.02 12.79 18.77
CA TYR A 159 10.45 11.88 17.73
C TYR A 159 10.17 12.41 16.34
N LEU A 160 8.93 12.87 16.12
CA LEU A 160 8.51 13.30 14.81
C LEU A 160 9.30 14.51 14.30
N GLU A 161 9.60 15.44 15.19
CA GLU A 161 10.32 16.65 14.80
C GLU A 161 11.82 16.44 14.74
N GLY A 162 12.31 15.43 15.44
CA GLY A 162 13.74 15.19 15.55
C GLY A 162 14.17 13.96 14.77
N THR A 163 14.20 12.83 15.47
CA THR A 163 14.69 11.57 14.91
C THR A 163 14.07 11.26 13.54
N CYS A 164 12.76 11.39 13.43
N CYS A 164 12.77 11.41 13.41
CA CYS A 164 12.07 11.05 12.19
CA CYS A 164 12.10 11.02 12.18
C CYS A 164 12.65 11.83 11.00
C CYS A 164 12.58 11.84 10.97
N VAL A 165 12.65 13.16 11.13
CA VAL A 165 13.12 14.02 10.07
C VAL A 165 14.60 13.77 9.77
N GLU A 166 15.39 13.60 10.81
CA GLU A 166 16.82 13.43 10.62
C GLU A 166 17.16 12.10 9.93
N TRP A 167 16.49 11.03 10.31
CA TRP A 167 16.75 9.75 9.67
C TRP A 167 16.19 9.72 8.25
N LEU A 168 15.04 10.34 8.00
CA LEU A 168 14.55 10.46 6.63
C LEU A 168 15.56 11.18 5.75
N ARG A 169 16.12 12.27 6.25
CA ARG A 169 17.12 13.01 5.50
C ARG A 169 18.34 12.13 5.19
N ARG A 170 18.77 11.35 6.18
CA ARG A 170 19.88 10.42 6.01
C ARG A 170 19.57 9.36 4.93
N TYR A 171 18.39 8.77 4.99
CA TYR A 171 17.98 7.77 4.03
C TYR A 171 17.92 8.35 2.61
N LEU A 172 17.35 9.55 2.48
CA LEU A 172 17.28 10.20 1.17
C LEU A 172 18.67 10.42 0.58
N GLU A 173 19.63 10.77 1.43
CA GLU A 173 21.01 10.93 0.97
C GLU A 173 21.60 9.59 0.54
N ASN A 174 21.46 8.58 1.38
CA ASN A 174 22.03 7.27 1.07
C ASN A 174 21.38 6.61 -0.13
N GLY A 175 20.08 6.86 -0.30
CA GLY A 175 19.35 6.28 -1.40
C GLY A 175 19.05 7.26 -2.53
N LYS A 176 19.85 8.32 -2.66
CA LYS A 176 19.50 9.42 -3.57
C LYS A 176 19.30 8.98 -5.03
N ASP A 177 20.04 7.97 -5.47
CA ASP A 177 19.97 7.56 -6.88
C ASP A 177 18.62 6.95 -7.23
N THR A 178 17.88 6.48 -6.22
CA THR A 178 16.55 5.92 -6.44
C THR A 178 15.46 6.77 -5.79
N LEU A 179 15.64 7.10 -4.51
CA LEU A 179 14.59 7.80 -3.78
C LEU A 179 14.32 9.20 -4.31
N GLU A 180 15.35 9.82 -4.85
CA GLU A 180 15.25 11.18 -5.38
C GLU A 180 15.12 11.20 -6.90
N ARG A 181 14.87 10.03 -7.49
CA ARG A 181 14.68 9.92 -8.93
C ARG A 181 13.23 9.63 -9.25
N ALA A 182 12.59 10.52 -10.00
CA ALA A 182 11.23 10.28 -10.47
C ALA A 182 11.32 9.71 -11.87
N ASP A 183 10.67 8.56 -12.09
CA ASP A 183 10.65 7.92 -13.39
C ASP A 183 9.33 8.24 -14.06
N PRO A 184 9.36 8.88 -15.23
CA PRO A 184 8.11 9.28 -15.87
C PRO A 184 7.36 8.08 -16.44
N PRO A 185 6.05 8.24 -16.62
CA PRO A 185 5.29 7.16 -17.25
C PRO A 185 5.61 7.06 -18.73
N LYS A 186 5.66 5.83 -19.23
CA LYS A 186 5.63 5.55 -20.65
C LYS A 186 4.15 5.45 -20.99
N THR A 187 3.71 6.18 -22.00
CA THR A 187 2.28 6.30 -22.26
C THR A 187 1.91 5.90 -23.68
N HIS A 188 0.71 5.35 -23.83
CA HIS A 188 0.13 5.09 -25.14
C HIS A 188 -1.38 4.90 -25.02
N VAL A 189 -2.07 4.98 -26.14
CA VAL A 189 -3.52 4.79 -26.19
C VAL A 189 -3.85 3.59 -27.06
N THR A 190 -4.70 2.71 -26.56
CA THR A 190 -5.17 1.58 -27.34
C THR A 190 -6.67 1.71 -27.62
N HIS A 191 -7.13 0.95 -28.60
CA HIS A 191 -8.49 1.08 -29.12
C HIS A 191 -9.09 -0.33 -29.19
N HIS A 192 -10.28 -0.49 -28.62
CA HIS A 192 -10.91 -1.80 -28.48
C HIS A 192 -12.39 -1.73 -28.86
N PRO A 193 -12.73 -2.14 -30.09
CA PRO A 193 -14.13 -2.16 -30.49
C PRO A 193 -14.99 -2.95 -29.50
N ILE A 194 -16.15 -2.39 -29.15
CA ILE A 194 -17.11 -3.06 -28.31
C ILE A 194 -18.21 -3.64 -29.19
N SER A 195 -18.52 -2.90 -30.25
CA SER A 195 -19.59 -3.27 -31.17
C SER A 195 -19.31 -2.47 -32.42
N ASP A 196 -20.23 -2.50 -33.38
CA ASP A 196 -20.00 -1.74 -34.60
C ASP A 196 -20.05 -0.24 -34.37
N HIS A 197 -20.66 0.18 -33.26
CA HIS A 197 -20.95 1.59 -33.09
C HIS A 197 -20.17 2.26 -31.97
N GLU A 198 -19.43 1.49 -31.19
CA GLU A 198 -18.60 2.10 -30.15
C GLU A 198 -17.35 1.27 -29.86
N ALA A 199 -16.36 1.96 -29.29
CA ALA A 199 -15.08 1.35 -28.95
C ALA A 199 -14.57 1.96 -27.67
N THR A 200 -13.72 1.20 -26.98
CA THR A 200 -13.03 1.71 -25.81
C THR A 200 -11.70 2.33 -26.23
N LEU A 201 -11.44 3.54 -25.74
CA LEU A 201 -10.09 4.10 -25.81
C LEU A 201 -9.50 3.96 -24.41
N ARG A 202 -8.32 3.35 -24.33
CA ARG A 202 -7.67 3.14 -23.04
C ARG A 202 -6.32 3.82 -23.06
N CYS A 203 -6.11 4.73 -22.11
CA CYS A 203 -4.86 5.47 -21.97
C CYS A 203 -4.02 4.82 -20.89
N TRP A 204 -2.80 4.43 -21.25
CA TRP A 204 -1.91 3.66 -20.39
C TRP A 204 -0.77 4.51 -19.89
N ALA A 205 -0.42 4.30 -18.62
CA ALA A 205 0.79 4.85 -18.04
C ALA A 205 1.53 3.71 -17.37
N LEU A 206 2.78 3.48 -17.79
CA LEU A 206 3.56 2.35 -17.31
C LEU A 206 4.93 2.81 -16.85
N GLY A 207 5.50 2.11 -15.87
CA GLY A 207 6.90 2.29 -15.53
C GLY A 207 7.22 3.54 -14.73
N PHE A 208 6.23 4.12 -14.04
CA PHE A 208 6.46 5.38 -13.34
C PHE A 208 6.73 5.19 -11.84
N TYR A 209 7.42 6.17 -11.27
CA TYR A 209 7.71 6.21 -9.84
C TYR A 209 7.90 7.68 -9.49
N PRO A 210 7.28 8.17 -8.41
CA PRO A 210 6.44 7.47 -7.44
C PRO A 210 5.04 7.17 -7.98
N ALA A 211 4.20 6.60 -7.13
CA ALA A 211 2.89 6.13 -7.57
C ALA A 211 1.92 7.23 -7.94
N GLU A 212 2.04 8.40 -7.31
CA GLU A 212 1.12 9.50 -7.57
C GLU A 212 1.10 9.88 -9.04
N ILE A 213 -0.09 9.93 -9.63
CA ILE A 213 -0.24 10.27 -11.04
C ILE A 213 -1.65 10.74 -11.27
N THR A 214 -1.84 11.56 -12.31
CA THR A 214 -3.18 11.94 -12.71
C THR A 214 -3.35 11.60 -14.17
N LEU A 215 -4.35 10.76 -14.45
N LEU A 215 -4.43 10.90 -14.48
CA LEU A 215 -4.75 10.39 -15.79
CA LEU A 215 -4.69 10.37 -15.80
C LEU A 215 -6.17 10.85 -15.97
C LEU A 215 -6.16 10.62 -16.12
N THR A 216 -6.44 11.53 -17.06
CA THR A 216 -7.81 11.93 -17.34
C THR A 216 -8.09 11.90 -18.84
N TRP A 217 -9.37 11.74 -19.18
CA TRP A 217 -9.84 11.89 -20.55
C TRP A 217 -10.68 13.13 -20.68
N GLN A 218 -10.52 13.84 -21.79
CA GLN A 218 -11.38 14.95 -22.15
C GLN A 218 -12.04 14.65 -23.47
N ARG A 219 -13.27 15.16 -23.62
CA ARG A 219 -13.94 15.17 -24.91
CA ARG A 219 -13.97 15.15 -24.90
C ARG A 219 -14.21 16.61 -25.27
N ASP A 220 -13.73 17.03 -26.43
CA ASP A 220 -13.85 18.42 -26.85
C ASP A 220 -13.32 19.35 -25.75
N GLY A 221 -12.29 18.91 -25.04
CA GLY A 221 -11.66 19.74 -24.02
C GLY A 221 -12.38 19.78 -22.68
N GLU A 222 -13.41 18.96 -22.54
CA GLU A 222 -14.19 18.88 -21.31
C GLU A 222 -13.88 17.60 -20.54
N ASP A 223 -13.54 17.71 -19.26
CA ASP A 223 -13.23 16.55 -18.44
C ASP A 223 -14.39 15.55 -18.42
N GLN A 224 -14.08 14.28 -18.62
CA GLN A 224 -15.09 13.23 -18.63
C GLN A 224 -15.08 12.44 -17.34
N THR A 225 -15.14 13.15 -16.22
CA THR A 225 -14.99 12.52 -14.92
C THR A 225 -15.92 11.33 -14.70
N GLN A 226 -17.22 11.55 -14.86
CA GLN A 226 -18.20 10.50 -14.61
C GLN A 226 -18.08 9.31 -15.58
N ASP A 227 -17.67 9.58 -16.81
CA ASP A 227 -17.69 8.57 -17.87
C ASP A 227 -16.35 7.85 -18.04
N THR A 228 -15.37 8.20 -17.23
CA THR A 228 -14.06 7.57 -17.30
C THR A 228 -13.94 6.41 -16.32
N GLU A 229 -13.47 5.26 -16.82
CA GLU A 229 -13.16 4.14 -15.95
C GLU A 229 -11.69 4.17 -15.59
N LEU A 230 -11.41 4.20 -14.30
CA LEU A 230 -10.04 4.18 -13.82
C LEU A 230 -9.79 2.86 -13.11
N VAL A 231 -8.60 2.31 -13.26
CA VAL A 231 -8.18 1.26 -12.34
C VAL A 231 -7.30 1.87 -11.27
N GLU A 232 -7.27 1.22 -10.11
CA GLU A 232 -6.34 1.60 -9.06
C GLU A 232 -4.92 1.49 -9.59
N THR A 233 -4.08 2.45 -9.22
CA THR A 233 -2.66 2.37 -9.52
C THR A 233 -2.10 1.10 -8.90
N ARG A 234 -1.27 0.39 -9.67
CA ARG A 234 -0.86 -0.96 -9.30
C ARG A 234 0.65 -1.14 -9.48
N PRO A 235 1.26 -1.91 -8.59
CA PRO A 235 2.72 -2.09 -8.67
C PRO A 235 3.13 -3.07 -9.76
N ALA A 236 4.19 -2.74 -10.49
CA ALA A 236 4.70 -3.65 -11.52
C ALA A 236 5.57 -4.76 -10.94
N GLY A 237 6.16 -4.52 -9.77
CA GLY A 237 7.07 -5.48 -9.16
C GLY A 237 8.56 -5.16 -9.37
N ASP A 238 8.85 -4.08 -10.08
CA ASP A 238 10.23 -3.61 -10.30
C ASP A 238 10.45 -2.20 -9.72
N ARG A 239 9.63 -1.85 -8.74
CA ARG A 239 9.55 -0.54 -8.06
C ARG A 239 8.55 0.41 -8.69
N THR A 240 8.23 0.20 -9.97
CA THR A 240 7.40 1.14 -10.70
C THR A 240 5.92 0.77 -10.59
N PHE A 241 5.09 1.67 -11.10
CA PHE A 241 3.65 1.54 -11.05
C PHE A 241 3.02 1.64 -12.41
N GLN A 242 1.76 1.24 -12.49
CA GLN A 242 0.99 1.26 -13.73
C GLN A 242 -0.40 1.79 -13.43
N LYS A 243 -1.03 2.38 -14.44
CA LYS A 243 -2.42 2.79 -14.33
C LYS A 243 -3.00 2.94 -15.73
N TRP A 244 -4.30 2.76 -15.86
CA TRP A 244 -4.96 3.16 -17.10
C TRP A 244 -6.30 3.81 -16.82
N ALA A 245 -6.79 4.55 -17.82
CA ALA A 245 -8.07 5.24 -17.78
C ALA A 245 -8.73 4.96 -19.12
N ALA A 246 -10.03 4.66 -19.11
CA ALA A 246 -10.71 4.30 -20.35
C ALA A 246 -12.02 5.03 -20.51
N VAL A 247 -12.38 5.30 -21.75
N VAL A 247 -12.40 5.24 -21.76
CA VAL A 247 -13.67 5.86 -22.08
CA VAL A 247 -13.67 5.88 -22.07
C VAL A 247 -14.27 5.05 -23.22
C VAL A 247 -14.27 5.19 -23.29
N VAL A 248 -15.60 5.06 -23.29
CA VAL A 248 -16.29 4.43 -24.41
C VAL A 248 -16.71 5.53 -25.36
N VAL A 249 -16.33 5.38 -26.63
CA VAL A 249 -16.50 6.45 -27.59
C VAL A 249 -17.25 5.97 -28.82
N PRO A 250 -18.10 6.83 -29.38
CA PRO A 250 -18.81 6.44 -30.61
C PRO A 250 -17.83 6.28 -31.76
N SER A 251 -18.06 5.27 -32.59
CA SER A 251 -17.20 5.02 -33.74
C SER A 251 -17.08 6.28 -34.58
N GLY A 252 -15.85 6.63 -34.91
CA GLY A 252 -15.60 7.78 -35.77
C GLY A 252 -15.36 9.07 -35.01
N GLU A 253 -15.62 9.06 -33.70
CA GLU A 253 -15.46 10.28 -32.89
C GLU A 253 -14.17 10.31 -32.09
N GLU A 254 -13.25 9.40 -32.39
CA GLU A 254 -12.04 9.24 -31.58
C GLU A 254 -11.20 10.51 -31.47
N GLN A 255 -11.17 11.33 -32.51
CA GLN A 255 -10.31 12.51 -32.50
C GLN A 255 -10.81 13.60 -31.55
N ARG A 256 -12.04 13.46 -31.07
CA ARG A 256 -12.57 14.41 -30.09
C ARG A 256 -12.02 14.16 -28.69
N TYR A 257 -11.34 13.04 -28.50
CA TYR A 257 -10.91 12.62 -27.18
C TYR A 257 -9.41 12.77 -26.99
N THR A 258 -9.03 13.32 -25.85
CA THR A 258 -7.62 13.44 -25.51
C THR A 258 -7.36 12.94 -24.09
N CYS A 259 -6.23 12.26 -23.93
CA CYS A 259 -5.83 11.78 -22.61
C CYS A 259 -4.76 12.70 -22.07
N HIS A 260 -4.85 13.02 -20.78
CA HIS A 260 -3.94 13.95 -20.15
C HIS A 260 -3.25 13.29 -19.00
N VAL A 261 -1.93 13.44 -18.95
CA VAL A 261 -1.11 12.75 -17.96
C VAL A 261 -0.25 13.75 -17.21
N GLN A 262 -0.30 13.70 -15.89
CA GLN A 262 0.55 14.53 -15.05
C GLN A 262 1.32 13.61 -14.12
N HIS A 263 2.62 13.84 -14.03
CA HIS A 263 3.48 13.04 -13.16
C HIS A 263 4.78 13.79 -12.88
N GLU A 264 5.34 13.59 -11.69
CA GLU A 264 6.54 14.30 -11.26
C GLU A 264 7.76 14.11 -12.18
N GLY A 265 7.82 12.96 -12.86
CA GLY A 265 8.96 12.64 -13.70
C GLY A 265 8.92 13.20 -15.11
N LEU A 266 7.76 13.74 -15.51
CA LEU A 266 7.62 14.31 -16.84
C LEU A 266 8.19 15.71 -16.88
N PRO A 267 8.98 16.03 -17.91
CA PRO A 267 9.45 17.41 -18.10
C PRO A 267 8.26 18.32 -18.38
N LYS A 268 7.21 17.75 -18.96
CA LYS A 268 5.99 18.48 -19.28
C LYS A 268 4.80 17.52 -19.26
N PRO A 269 3.64 17.98 -18.76
CA PRO A 269 2.41 17.20 -18.84
C PRO A 269 2.11 16.80 -20.29
N LEU A 270 1.59 15.59 -20.47
CA LEU A 270 1.38 15.04 -21.79
C LEU A 270 -0.09 15.11 -22.17
N THR A 271 -0.32 15.34 -23.46
CA THR A 271 -1.62 15.15 -24.07
C THR A 271 -1.44 14.10 -25.15
N LEU A 272 -2.29 13.06 -25.13
CA LEU A 272 -2.20 11.97 -26.08
C LEU A 272 -3.54 11.74 -26.74
N ARG A 273 -3.51 11.16 -27.93
CA ARG A 273 -4.71 10.76 -28.63
C ARG A 273 -4.49 9.42 -29.31
N TRP A 274 -5.60 8.78 -29.66
CA TRP A 274 -5.55 7.53 -30.41
C TRP A 274 -4.93 7.77 -31.78
N ILE B 1 -18.63 -4.83 8.21
CA ILE B 1 -17.48 -4.53 9.04
C ILE B 1 -16.19 -5.09 8.42
N GLN B 2 -16.33 -5.77 7.30
CA GLN B 2 -15.19 -6.31 6.56
C GLN B 2 -15.20 -5.74 5.15
N ARG B 3 -14.07 -5.83 4.46
CA ARG B 3 -13.94 -5.31 3.10
C ARG B 3 -13.39 -6.36 2.16
N THR B 4 -14.06 -6.55 1.03
CA THR B 4 -13.69 -7.61 0.10
C THR B 4 -12.54 -7.13 -0.80
N PRO B 5 -11.67 -8.05 -1.24
CA PRO B 5 -10.55 -7.59 -2.05
C PRO B 5 -10.91 -7.17 -3.47
N LYS B 6 -10.24 -6.12 -3.92
CA LYS B 6 -10.13 -5.79 -5.33
CA LYS B 6 -10.13 -5.79 -5.33
C LYS B 6 -9.01 -6.66 -5.90
N ILE B 7 -9.15 -7.05 -7.17
CA ILE B 7 -8.18 -7.93 -7.80
C ILE B 7 -7.84 -7.44 -9.19
N GLN B 8 -6.55 -7.27 -9.48
CA GLN B 8 -6.10 -7.01 -10.85
C GLN B 8 -5.06 -8.04 -11.25
N VAL B 9 -5.15 -8.53 -12.48
CA VAL B 9 -4.18 -9.49 -13.00
C VAL B 9 -3.57 -8.90 -14.26
N TYR B 10 -2.23 -8.90 -14.32
CA TYR B 10 -1.54 -8.15 -15.36
C TYR B 10 -0.07 -8.57 -15.39
N SER B 11 0.66 -8.11 -16.40
CA SER B 11 2.08 -8.44 -16.50
C SER B 11 2.97 -7.27 -16.12
N ARG B 12 4.18 -7.59 -15.65
CA ARG B 12 5.14 -6.56 -15.25
C ARG B 12 5.54 -5.70 -16.44
N HIS B 13 5.83 -6.37 -17.55
CA HIS B 13 6.22 -5.72 -18.79
C HIS B 13 5.15 -5.96 -19.83
N PRO B 14 5.10 -5.11 -20.87
CA PRO B 14 4.12 -5.35 -21.93
C PRO B 14 4.23 -6.79 -22.46
N ALA B 15 3.10 -7.46 -22.62
CA ALA B 15 3.10 -8.86 -23.04
C ALA B 15 3.53 -9.03 -24.50
N GLU B 16 4.45 -9.96 -24.71
CA GLU B 16 4.89 -10.33 -26.05
C GLU B 16 5.02 -11.84 -26.07
N ASN B 17 4.25 -12.49 -26.94
CA ASN B 17 4.27 -13.94 -26.97
C ASN B 17 5.68 -14.48 -27.14
N GLY B 18 6.03 -15.46 -26.31
CA GLY B 18 7.32 -16.11 -26.38
C GLY B 18 8.43 -15.42 -25.62
N LYS B 19 8.12 -14.29 -24.98
CA LYS B 19 9.14 -13.55 -24.22
C LYS B 19 8.86 -13.60 -22.73
N SER B 20 9.86 -14.01 -21.95
CA SER B 20 9.71 -14.15 -20.51
C SER B 20 9.31 -12.83 -19.87
N ASN B 21 8.49 -12.93 -18.82
CA ASN B 21 7.83 -11.77 -18.21
C ASN B 21 7.48 -12.19 -16.79
N PHE B 22 6.71 -11.36 -16.09
CA PHE B 22 6.18 -11.71 -14.79
C PHE B 22 4.67 -11.50 -14.81
N LEU B 23 3.95 -12.51 -14.32
CA LEU B 23 2.51 -12.44 -14.13
C LEU B 23 2.24 -11.98 -12.71
N ASN B 24 1.44 -10.93 -12.60
CA ASN B 24 1.10 -10.29 -11.33
C ASN B 24 -0.36 -10.45 -10.97
N CYS B 25 -0.63 -10.68 -9.70
CA CYS B 25 -1.98 -10.55 -9.18
C CYS B 25 -1.92 -9.63 -7.99
N TYR B 26 -2.52 -8.45 -8.13
CA TYR B 26 -2.52 -7.45 -7.09
C TYR B 26 -3.85 -7.50 -6.38
N VAL B 27 -3.81 -7.83 -5.09
N VAL B 27 -3.79 -7.72 -5.07
CA VAL B 27 -5.02 -7.82 -4.28
CA VAL B 27 -4.99 -7.84 -4.25
C VAL B 27 -4.92 -6.64 -3.33
C VAL B 27 -4.95 -6.71 -3.22
N SER B 28 -6.02 -5.92 -3.17
CA SER B 28 -5.99 -4.70 -2.38
C SER B 28 -7.36 -4.37 -1.84
N GLY B 29 -7.42 -3.42 -0.92
CA GLY B 29 -8.68 -2.93 -0.40
C GLY B 29 -9.38 -3.88 0.54
N PHE B 30 -8.69 -4.91 1.05
CA PHE B 30 -9.38 -5.90 1.86
C PHE B 30 -9.11 -5.75 3.37
N HIS B 31 -10.05 -6.26 4.17
CA HIS B 31 -9.91 -6.24 5.62
C HIS B 31 -10.88 -7.29 6.16
N PRO B 32 -10.42 -8.18 7.05
CA PRO B 32 -9.09 -8.29 7.65
C PRO B 32 -8.04 -8.84 6.69
N SER B 33 -6.83 -9.08 7.19
CA SER B 33 -5.69 -9.29 6.31
C SER B 33 -5.45 -10.70 5.81
N ASP B 34 -6.08 -11.70 6.42
CA ASP B 34 -5.89 -13.07 5.94
C ASP B 34 -6.50 -13.20 4.55
N ILE B 35 -5.72 -13.78 3.64
CA ILE B 35 -6.19 -13.93 2.27
C ILE B 35 -5.43 -15.09 1.63
N GLU B 36 -6.05 -15.72 0.65
CA GLU B 36 -5.42 -16.82 -0.05
C GLU B 36 -5.42 -16.50 -1.52
N VAL B 37 -4.25 -16.59 -2.15
CA VAL B 37 -4.13 -16.25 -3.56
C VAL B 37 -3.34 -17.32 -4.29
N ASP B 38 -3.90 -17.81 -5.39
CA ASP B 38 -3.21 -18.73 -6.29
C ASP B 38 -3.09 -18.09 -7.67
N LEU B 39 -1.98 -18.33 -8.35
CA LEU B 39 -1.90 -18.02 -9.77
C LEU B 39 -2.10 -19.33 -10.52
N LEU B 40 -2.86 -19.27 -11.61
CA LEU B 40 -3.22 -20.47 -12.37
C LEU B 40 -2.73 -20.38 -13.81
N LYS B 41 -2.25 -21.52 -14.31
CA LYS B 41 -1.93 -21.68 -15.73
C LYS B 41 -2.81 -22.79 -16.27
N ASN B 42 -3.66 -22.46 -17.23
CA ASN B 42 -4.61 -23.42 -17.78
C ASN B 42 -5.38 -24.15 -16.66
N GLY B 43 -5.77 -23.38 -15.66
CA GLY B 43 -6.63 -23.87 -14.60
C GLY B 43 -5.91 -24.51 -13.43
N GLU B 44 -4.61 -24.70 -13.56
CA GLU B 44 -3.82 -25.41 -12.56
C GLU B 44 -2.94 -24.47 -11.76
N ARG B 45 -2.78 -24.75 -10.47
CA ARG B 45 -2.00 -23.89 -9.59
C ARG B 45 -0.51 -23.88 -9.94
N ILE B 46 0.04 -22.69 -10.08
CA ILE B 46 1.47 -22.51 -10.32
C ILE B 46 2.21 -22.60 -9.00
N GLU B 47 3.29 -23.37 -8.94
CA GLU B 47 3.95 -23.62 -7.66
C GLU B 47 4.90 -22.52 -7.16
N LYS B 48 5.62 -21.87 -8.06
CA LYS B 48 6.74 -21.02 -7.62
C LYS B 48 6.40 -19.63 -7.03
N VAL B 49 5.12 -19.34 -6.85
CA VAL B 49 4.64 -17.98 -6.63
C VAL B 49 5.19 -17.26 -5.37
N GLU B 50 5.68 -16.04 -5.56
CA GLU B 50 6.14 -15.20 -4.45
C GLU B 50 5.19 -14.05 -4.22
N HIS B 51 5.32 -13.38 -3.08
CA HIS B 51 4.50 -12.21 -2.80
C HIS B 51 5.28 -11.12 -2.08
N SER B 52 4.79 -9.90 -2.22
CA SER B 52 5.38 -8.76 -1.55
C SER B 52 5.01 -8.80 -0.07
N ASP B 53 5.62 -7.92 0.71
CA ASP B 53 5.32 -7.87 2.14
C ASP B 53 3.97 -7.21 2.37
N LEU B 54 3.15 -7.85 3.19
CA LEU B 54 1.83 -7.33 3.52
C LEU B 54 1.94 -5.89 4.00
N SER B 55 1.12 -5.03 3.40
N SER B 55 1.17 -4.99 3.42
CA SER B 55 1.16 -3.59 3.61
CA SER B 55 1.13 -3.62 3.93
C SER B 55 -0.28 -3.09 3.71
C SER B 55 -0.30 -3.14 3.90
N PHE B 56 -0.48 -1.84 4.12
CA PHE B 56 -1.82 -1.28 4.10
C PHE B 56 -1.82 0.18 3.69
N SER B 57 -3.00 0.61 3.23
CA SER B 57 -3.21 1.92 2.64
C SER B 57 -3.69 2.93 3.68
N LYS B 58 -3.84 4.17 3.26
CA LYS B 58 -4.28 5.22 4.17
C LYS B 58 -5.66 4.94 4.77
N ASP B 59 -6.51 4.21 4.04
CA ASP B 59 -7.82 3.84 4.57
C ASP B 59 -7.82 2.56 5.41
N TRP B 60 -6.62 2.09 5.75
CA TRP B 60 -6.38 0.92 6.61
C TRP B 60 -6.54 -0.42 5.91
N SER B 61 -6.98 -0.42 4.66
CA SER B 61 -7.16 -1.69 3.96
C SER B 61 -5.81 -2.25 3.49
N PHE B 62 -5.73 -3.56 3.42
CA PHE B 62 -4.48 -4.25 3.11
C PHE B 62 -4.27 -4.44 1.62
N TYR B 63 -3.00 -4.61 1.24
CA TYR B 63 -2.65 -4.95 -0.13
C TYR B 63 -1.39 -5.81 -0.20
N LEU B 64 -1.34 -6.62 -1.26
CA LEU B 64 -0.30 -7.61 -1.53
C LEU B 64 -0.15 -7.78 -3.03
N LEU B 65 1.07 -7.98 -3.51
CA LEU B 65 1.32 -8.40 -4.90
C LEU B 65 1.84 -9.84 -4.91
N TYR B 66 1.15 -10.71 -5.65
CA TYR B 66 1.63 -12.07 -5.93
C TYR B 66 2.19 -12.09 -7.34
N TYR B 67 3.31 -12.78 -7.55
CA TYR B 67 3.94 -12.74 -8.86
C TYR B 67 4.74 -13.99 -9.16
N THR B 68 4.85 -14.31 -10.44
CA THR B 68 5.61 -15.47 -10.86
C THR B 68 6.13 -15.22 -12.27
N GLU B 69 7.26 -15.83 -12.60
CA GLU B 69 7.80 -15.69 -13.94
C GLU B 69 6.89 -16.45 -14.90
N PHE B 70 6.68 -15.90 -16.10
CA PHE B 70 5.92 -16.62 -17.11
C PHE B 70 6.28 -16.16 -18.51
N THR B 71 6.06 -17.05 -19.48
CA THR B 71 6.27 -16.71 -20.86
C THR B 71 4.92 -16.84 -21.56
N PRO B 72 4.28 -15.70 -21.85
CA PRO B 72 2.96 -15.71 -22.46
C PRO B 72 2.99 -16.37 -23.84
N THR B 73 1.89 -17.00 -24.20
CA THR B 73 1.72 -17.54 -25.55
C THR B 73 0.31 -17.19 -26.00
N GLU B 74 -0.01 -17.49 -27.24
CA GLU B 74 -1.35 -17.25 -27.74
C GLU B 74 -2.37 -18.15 -27.03
N LYS B 75 -1.99 -19.40 -26.80
CA LYS B 75 -2.93 -20.42 -26.33
C LYS B 75 -3.09 -20.51 -24.82
N ASP B 76 -2.01 -20.29 -24.07
CA ASP B 76 -2.06 -20.49 -22.62
C ASP B 76 -2.94 -19.47 -21.91
N GLU B 77 -3.74 -19.95 -20.97
CA GLU B 77 -4.64 -19.09 -20.20
C GLU B 77 -4.12 -18.94 -18.78
N TYR B 78 -4.06 -17.71 -18.29
CA TYR B 78 -3.60 -17.45 -16.93
C TYR B 78 -4.71 -16.78 -16.13
N ALA B 79 -4.67 -16.96 -14.82
CA ALA B 79 -5.70 -16.39 -13.97
C ALA B 79 -5.20 -16.27 -12.54
N CYS B 80 -5.93 -15.53 -11.73
CA CYS B 80 -5.65 -15.44 -10.31
C CYS B 80 -6.89 -15.88 -9.55
N ARG B 81 -6.71 -16.71 -8.53
CA ARG B 81 -7.83 -17.23 -7.74
C ARG B 81 -7.64 -16.75 -6.30
N VAL B 82 -8.66 -16.08 -5.78
CA VAL B 82 -8.56 -15.42 -4.48
C VAL B 82 -9.66 -15.86 -3.54
N ASN B 83 -9.30 -16.15 -2.29
CA ASN B 83 -10.32 -16.38 -1.27
C ASN B 83 -10.07 -15.47 -0.08
N HIS B 84 -11.16 -15.10 0.58
CA HIS B 84 -11.13 -14.16 1.69
C HIS B 84 -12.39 -14.43 2.50
N VAL B 85 -12.40 -14.02 3.77
CA VAL B 85 -13.57 -14.27 4.61
C VAL B 85 -14.85 -13.69 4.01
N THR B 86 -14.73 -12.61 3.25
CA THR B 86 -15.89 -11.95 2.64
C THR B 86 -16.46 -12.69 1.43
N LEU B 87 -15.74 -13.69 0.94
CA LEU B 87 -16.15 -14.43 -0.25
C LEU B 87 -16.64 -15.82 0.11
N SER B 88 -17.80 -16.20 -0.41
CA SER B 88 -18.35 -17.51 -0.12
C SER B 88 -17.66 -18.59 -0.95
N GLN B 89 -17.17 -18.18 -2.12
CA GLN B 89 -16.46 -19.06 -3.04
C GLN B 89 -15.24 -18.32 -3.54
N PRO B 90 -14.18 -19.06 -3.92
CA PRO B 90 -13.03 -18.32 -4.47
C PRO B 90 -13.42 -17.53 -5.72
N LYS B 91 -12.82 -16.36 -5.88
CA LYS B 91 -13.07 -15.51 -7.03
C LYS B 91 -11.92 -15.67 -8.01
N ILE B 92 -12.25 -15.95 -9.27
CA ILE B 92 -11.23 -16.11 -10.30
C ILE B 92 -11.28 -14.95 -11.29
N VAL B 93 -10.13 -14.31 -11.48
CA VAL B 93 -10.00 -13.23 -12.45
C VAL B 93 -9.00 -13.66 -13.50
N LYS B 94 -9.42 -13.64 -14.76
CA LYS B 94 -8.57 -14.04 -15.86
CA LYS B 94 -8.56 -14.05 -15.86
C LYS B 94 -7.58 -12.95 -16.24
N TRP B 95 -6.40 -13.36 -16.71
CA TRP B 95 -5.46 -12.40 -17.27
C TRP B 95 -5.92 -12.01 -18.67
N ASP B 96 -6.14 -10.71 -18.85
CA ASP B 96 -6.49 -10.12 -20.13
C ASP B 96 -5.41 -9.09 -20.42
N ARG B 97 -4.60 -9.33 -21.45
CA ARG B 97 -3.45 -8.47 -21.69
C ARG B 97 -3.85 -7.05 -22.10
N ASP B 98 -5.14 -6.84 -22.36
CA ASP B 98 -5.65 -5.50 -22.65
C ASP B 98 -6.09 -4.72 -21.41
N MET B 99 -5.90 -5.29 -20.21
CA MET B 99 -6.34 -4.59 -19.01
CA MET B 99 -6.40 -4.72 -18.96
C MET B 99 -5.33 -4.59 -17.86
N ALA C 1 14.47 5.33 11.01
CA ALA C 1 14.57 4.64 12.29
C ALA C 1 13.27 4.78 13.07
N GLU C 2 12.84 3.69 13.72
CA GLU C 2 11.60 3.72 14.47
C GLU C 2 11.72 4.51 15.77
N MET C 3 10.55 4.88 16.27
CA MET C 3 10.43 5.51 17.57
CA MET C 3 10.44 5.52 17.58
C MET C 3 10.63 4.49 18.68
N TYR C 4 11.40 4.87 19.70
CA TYR C 4 11.61 3.99 20.84
C TYR C 4 10.30 3.82 21.63
N PRO C 13 6.69 1.25 27.86
CA PRO C 13 5.75 1.08 26.75
C PRO C 13 4.36 1.64 27.09
N SER C 14 3.65 2.08 26.06
CA SER C 14 2.30 2.61 26.24
C SER C 14 1.28 1.85 25.42
N PRO C 15 0.70 0.80 26.00
CA PRO C 15 -0.39 0.11 25.33
C PRO C 15 -1.60 1.02 25.26
N LEU C 16 -2.51 0.69 24.35
CA LEU C 16 -3.78 1.39 24.27
C LEU C 16 -4.64 1.06 25.48
#